data_3CNV
#
_entry.id   3CNV
#
_cell.length_a   58.196
_cell.length_b   58.071
_cell.length_c   65.580
_cell.angle_alpha   82.36
_cell.angle_beta   86.52
_cell.angle_gamma   68.31
#
_symmetry.space_group_name_H-M   'P 1'
#
loop_
_entity.id
_entity.type
_entity.pdbx_description
1 polymer 'Putative GntR-family transcriptional regulator'
2 non-polymer 'CITRATE ANION'
3 non-polymer 'CHLORIDE ION'
4 water water
#
_entity_poly.entity_id   1
_entity_poly.type   'polypeptide(L)'
_entity_poly.pdbx_seq_one_letter_code
;VRYRFLRLAPDEEGEGGRAESRILECRRLRAPAEIARALELRAGETVVTIRRQLS(MSE)NH(MSE)PTVIDDLWLPGTH
FRGLTLELLTASKAPLYGLFESEFGVS(MSE)VRADEKLRAVAASPEIAPLLGVEPGRPLLQVDRISYTYGDRP(MSE)E
VRRGLYLTDHYHYRNSLN
;
_entity_poly.pdbx_strand_id   A,B,C,D
#
# COMPACT_ATOMS: atom_id res chain seq x y z
N VAL A 1 -2.58 3.11 18.57
CA VAL A 1 -3.52 3.94 17.78
C VAL A 1 -4.82 3.21 17.65
N ARG A 2 -5.80 3.98 17.26
CA ARG A 2 -7.17 3.59 17.27
C ARG A 2 -7.50 2.46 16.27
N TYR A 3 -7.03 2.59 15.04
CA TYR A 3 -7.35 1.63 13.98
C TYR A 3 -6.13 0.91 13.40
N ARG A 4 -6.37 -0.36 13.06
CA ARG A 4 -5.40 -1.21 12.36
C ARG A 4 -5.60 -1.14 10.85
N PHE A 5 -6.84 -1.39 10.41
CA PHE A 5 -7.13 -1.50 8.98
C PHE A 5 -8.28 -0.63 8.46
N LEU A 6 -9.15 -0.18 9.37
CA LEU A 6 -10.36 0.59 9.01
C LEU A 6 -9.97 1.84 8.16
N ARG A 7 -10.55 1.92 6.98
CA ARG A 7 -10.27 3.00 6.03
C ARG A 7 -11.43 4.01 5.88
N LEU A 8 -12.46 3.84 6.68
CA LEU A 8 -13.58 4.83 6.69
C LEU A 8 -13.14 6.22 7.16
N ALA A 9 -13.56 7.19 6.42
CA ALA A 9 -13.12 8.54 6.58
C ALA A 9 -14.31 9.40 6.24
N PRO A 10 -14.50 10.50 6.96
CA PRO A 10 -15.65 11.39 6.76
C PRO A 10 -15.54 12.19 5.53
N ASP A 11 -16.67 12.38 4.86
CA ASP A 11 -16.64 13.13 3.63
C ASP A 11 -16.37 14.57 4.02
N GLU A 12 -16.72 14.85 5.26
CA GLU A 12 -16.64 16.17 5.96
C GLU A 12 -17.02 17.39 5.17
N ALA A 19 -15.59 6.17 16.08
CA ALA A 19 -16.41 4.98 15.75
C ALA A 19 -16.63 4.08 16.97
N GLU A 20 -17.90 3.79 17.21
CA GLU A 20 -18.31 3.03 18.40
C GLU A 20 -18.80 1.64 17.97
N SER A 21 -18.27 0.62 18.65
CA SER A 21 -18.55 -0.79 18.34
C SER A 21 -19.53 -1.32 19.33
N ARG A 22 -20.54 -1.98 18.79
CA ARG A 22 -21.50 -2.72 19.56
C ARG A 22 -21.44 -4.20 19.09
N ILE A 23 -21.17 -5.11 20.02
CA ILE A 23 -21.11 -6.56 19.77
C ILE A 23 -22.56 -7.14 19.85
N LEU A 24 -22.99 -7.67 18.73
CA LEU A 24 -24.24 -8.34 18.48
C LEU A 24 -24.17 -9.85 18.82
N GLU A 25 -23.04 -10.46 18.54
CA GLU A 25 -22.81 -11.87 18.82
C GLU A 25 -21.35 -12.27 18.85
N CYS A 26 -21.12 -13.32 19.62
CA CYS A 26 -19.82 -13.96 19.71
C CYS A 26 -20.07 -15.40 20.09
N ARG A 27 -19.76 -16.28 19.17
CA ARG A 27 -20.21 -17.67 19.26
C ARG A 27 -19.14 -18.59 18.66
N ARG A 28 -19.04 -19.79 19.19
CA ARG A 28 -18.24 -20.84 18.58
C ARG A 28 -19.09 -21.77 17.74
N LEU A 29 -18.56 -22.10 16.57
CA LEU A 29 -19.15 -23.11 15.66
C LEU A 29 -18.11 -23.83 14.79
N ARG A 30 -18.53 -24.90 14.12
CA ARG A 30 -17.72 -25.61 13.13
C ARG A 30 -17.58 -24.65 11.92
N ALA A 31 -16.34 -24.54 11.41
CA ALA A 31 -16.06 -23.60 10.34
C ALA A 31 -16.88 -23.98 9.11
N PRO A 32 -17.69 -23.05 8.60
CA PRO A 32 -18.20 -23.28 7.24
C PRO A 32 -17.04 -23.52 6.28
N ALA A 33 -17.30 -24.22 5.20
CA ALA A 33 -16.24 -24.66 4.27
C ALA A 33 -15.38 -23.54 3.70
N GLU A 34 -16.00 -22.43 3.40
CA GLU A 34 -15.31 -21.30 2.73
C GLU A 34 -14.40 -20.66 3.78
N ILE A 35 -14.85 -20.73 5.04
CA ILE A 35 -14.14 -20.14 6.15
C ILE A 35 -12.91 -21.01 6.48
N ALA A 36 -13.05 -22.35 6.52
CA ALA A 36 -11.88 -23.20 6.84
C ALA A 36 -10.83 -23.10 5.76
N ARG A 37 -11.30 -22.95 4.54
CA ARG A 37 -10.40 -22.77 3.38
C ARG A 37 -9.58 -21.46 3.53
N ALA A 38 -10.24 -20.37 3.83
CA ALA A 38 -9.58 -19.06 3.99
C ALA A 38 -8.60 -19.01 5.18
N LEU A 39 -8.96 -19.68 6.27
CA LEU A 39 -8.18 -19.68 7.50
C LEU A 39 -7.22 -20.86 7.51
N GLU A 40 -7.33 -21.70 6.49
CA GLU A 40 -6.50 -22.90 6.34
C GLU A 40 -6.59 -23.86 7.55
N LEU A 41 -7.85 -24.15 7.90
CA LEU A 41 -8.22 -25.01 9.02
C LEU A 41 -8.59 -26.40 8.50
N ARG A 42 -8.47 -27.39 9.39
CA ARG A 42 -8.95 -28.73 9.08
C ARG A 42 -10.45 -28.49 8.86
N ALA A 43 -11.15 -29.33 8.09
CA ALA A 43 -12.58 -29.07 7.85
C ALA A 43 -13.39 -29.29 9.12
N GLY A 44 -14.29 -28.35 9.40
CA GLY A 44 -15.16 -28.44 10.58
C GLY A 44 -14.44 -28.03 11.87
N GLU A 45 -13.24 -27.48 11.69
CA GLU A 45 -12.51 -26.91 12.84
C GLU A 45 -13.39 -25.84 13.50
N THR A 46 -13.29 -25.80 14.82
CA THR A 46 -13.96 -24.75 15.60
C THR A 46 -13.39 -23.41 15.31
N VAL A 47 -14.31 -22.50 15.04
CA VAL A 47 -14.06 -21.07 14.86
C VAL A 47 -14.94 -20.28 15.80
N VAL A 48 -14.44 -19.09 16.11
CA VAL A 48 -15.21 -18.10 16.82
C VAL A 48 -15.74 -17.11 15.78
N THR A 49 -17.04 -16.84 15.84
CA THR A 49 -17.59 -15.80 14.98
C THR A 49 -18.20 -14.67 15.77
N ILE A 50 -17.93 -13.47 15.28
CA ILE A 50 -18.44 -12.27 15.88
C ILE A 50 -19.22 -11.51 14.82
N ARG A 51 -20.39 -11.01 15.22
CA ARG A 51 -21.03 -9.96 14.47
C ARG A 51 -21.02 -8.67 15.30
N ARG A 52 -20.65 -7.58 14.64
CA ARG A 52 -20.73 -6.27 15.25
C ARG A 52 -21.04 -5.11 14.37
N GLN A 53 -21.49 -4.09 15.05
CA GLN A 53 -21.95 -2.88 14.39
C GLN A 53 -21.05 -1.73 14.85
N LEU A 54 -20.57 -0.97 13.90
CA LEU A 54 -19.88 0.29 14.18
C LEU A 54 -20.80 1.43 13.81
N SER A 55 -20.87 2.35 14.72
CA SER A 55 -21.54 3.60 14.49
C SER A 55 -20.59 4.76 14.51
N ASN A 57 -21.04 8.93 14.61
CA ASN A 57 -21.93 10.03 14.88
C ASN A 57 -23.34 9.54 15.15
N HIS A 58 -23.38 8.45 15.89
CA HIS A 58 -24.61 7.98 16.52
C HIS A 58 -25.57 7.41 15.49
N PRO A 60 -25.64 3.82 12.82
CA PRO A 60 -24.98 2.60 12.38
C PRO A 60 -24.39 2.77 10.96
N THR A 61 -23.14 2.42 10.81
CA THR A 61 -22.39 2.63 9.54
C THR A 61 -21.74 1.38 8.92
N VAL A 62 -21.29 0.46 9.78
CA VAL A 62 -20.73 -0.79 9.34
C VAL A 62 -21.36 -1.96 10.11
N ILE A 63 -21.62 -3.04 9.37
CA ILE A 63 -21.90 -4.35 9.98
C ILE A 63 -20.77 -5.24 9.56
N ASP A 64 -20.07 -5.78 10.58
CA ASP A 64 -18.94 -6.67 10.39
C ASP A 64 -19.30 -8.06 10.88
N ASP A 65 -18.95 -9.07 10.10
CA ASP A 65 -18.92 -10.45 10.55
C ASP A 65 -17.49 -10.94 10.48
N LEU A 66 -17.04 -11.60 11.55
CA LEU A 66 -15.64 -11.99 11.69
C LEU A 66 -15.61 -13.45 12.04
N TRP A 67 -14.62 -14.13 11.53
CA TRP A 67 -14.35 -15.55 11.85
C TRP A 67 -12.85 -15.67 12.21
N LEU A 68 -12.60 -16.33 13.35
CA LEU A 68 -11.24 -16.50 13.90
C LEU A 68 -11.01 -17.94 14.31
N PRO A 69 -9.77 -18.44 14.18
CA PRO A 69 -9.56 -19.84 14.61
C PRO A 69 -9.66 -20.01 16.10
N GLY A 70 -10.41 -21.02 16.52
CA GLY A 70 -10.63 -21.23 17.95
C GLY A 70 -9.37 -21.55 18.76
N THR A 71 -8.41 -22.20 18.13
CA THR A 71 -7.21 -22.58 18.86
C THR A 71 -6.46 -21.35 19.45
N HIS A 72 -6.46 -20.25 18.72
CA HIS A 72 -5.70 -19.07 19.11
C HIS A 72 -6.57 -18.02 19.85
N PHE A 73 -7.86 -18.30 19.96
CA PHE A 73 -8.82 -17.34 20.51
C PHE A 73 -9.71 -17.99 21.58
N ARG A 74 -9.10 -18.92 22.27
CA ARG A 74 -9.75 -19.56 23.44
C ARG A 74 -9.98 -18.51 24.50
N GLY A 75 -11.21 -18.39 24.96
CA GLY A 75 -11.48 -17.43 26.00
C GLY A 75 -12.06 -16.20 25.40
N LEU A 76 -12.14 -16.17 24.08
CA LEU A 76 -12.76 -15.05 23.37
C LEU A 76 -14.27 -15.20 23.46
N THR A 77 -14.85 -14.57 24.44
CA THR A 77 -16.30 -14.74 24.70
C THR A 77 -17.03 -13.42 24.68
N LEU A 78 -18.33 -13.52 24.65
CA LEU A 78 -19.19 -12.36 24.71
C LEU A 78 -18.89 -11.58 26.03
N GLU A 79 -18.63 -12.31 27.11
CA GLU A 79 -18.32 -11.71 28.43
C GLU A 79 -17.04 -10.87 28.35
N LEU A 80 -16.03 -11.41 27.71
CA LEU A 80 -14.76 -10.71 27.53
C LEU A 80 -14.96 -9.45 26.74
N LEU A 81 -15.69 -9.57 25.64
CA LEU A 81 -15.87 -8.45 24.72
C LEU A 81 -16.63 -7.32 25.35
N THR A 82 -17.47 -7.65 26.32
CA THR A 82 -18.30 -6.61 26.90
C THR A 82 -17.57 -6.09 28.15
N ALA A 83 -16.75 -6.92 28.75
CA ALA A 83 -16.02 -6.50 29.93
C ALA A 83 -14.96 -5.52 29.47
N SER A 84 -14.54 -5.68 28.22
CA SER A 84 -13.34 -4.95 27.71
C SER A 84 -13.64 -3.70 26.87
N LYS A 85 -12.77 -2.71 27.07
CA LYS A 85 -12.87 -1.38 26.40
C LYS A 85 -12.50 -1.44 24.92
N ALA A 86 -11.75 -2.49 24.61
CA ALA A 86 -10.83 -2.51 23.48
C ALA A 86 -11.45 -2.64 22.07
N PRO A 87 -10.94 -1.84 21.15
CA PRO A 87 -10.97 -2.18 19.72
C PRO A 87 -10.54 -3.62 19.53
N LEU A 88 -11.18 -4.29 18.60
CA LEU A 88 -10.98 -5.72 18.41
C LEU A 88 -9.56 -6.07 18.06
N TYR A 89 -8.96 -5.36 17.12
CA TYR A 89 -7.52 -5.66 16.77
C TYR A 89 -6.59 -5.49 17.98
N GLY A 90 -6.87 -4.50 18.83
CA GLY A 90 -6.04 -4.17 20.00
C GLY A 90 -6.17 -5.26 21.07
N LEU A 91 -7.41 -5.78 21.16
CA LEU A 91 -7.77 -6.92 22.03
C LEU A 91 -7.04 -8.14 21.52
N PHE A 92 -7.12 -8.40 20.22
CA PHE A 92 -6.44 -9.61 19.67
C PHE A 92 -4.93 -9.57 19.99
N GLU A 93 -4.34 -8.38 20.02
CA GLU A 93 -2.89 -8.23 20.27
C GLU A 93 -2.61 -8.40 21.77
N SER A 94 -3.42 -7.76 22.59
CA SER A 94 -3.07 -7.61 23.98
C SER A 94 -3.57 -8.76 24.81
N GLU A 95 -4.68 -9.36 24.42
CA GLU A 95 -5.18 -10.47 25.20
C GLU A 95 -4.73 -11.82 24.60
N PHE A 96 -4.52 -11.88 23.30
CA PHE A 96 -4.32 -13.16 22.63
C PHE A 96 -2.97 -13.25 21.95
N GLY A 97 -2.26 -12.13 21.89
CA GLY A 97 -0.91 -11.99 21.35
C GLY A 97 -0.83 -12.19 19.84
N VAL A 98 -1.95 -11.89 19.21
CA VAL A 98 -2.04 -11.94 17.72
C VAL A 98 -2.06 -10.61 17.07
N SER A 99 -0.94 -10.30 16.45
CA SER A 99 -0.79 -9.04 15.73
C SER A 99 -0.84 -9.23 14.20
N VAL A 101 -0.09 -8.37 10.44
CA VAL A 101 0.95 -7.70 9.63
C VAL A 101 0.47 -7.31 8.23
N ARG A 102 -0.50 -8.05 7.71
CA ARG A 102 -1.05 -7.82 6.36
C ARG A 102 -2.52 -8.12 6.30
N ALA A 103 -3.23 -7.41 5.43
CA ALA A 103 -4.60 -7.78 5.04
C ALA A 103 -4.83 -7.75 3.56
N ASP A 104 -5.57 -8.75 3.06
CA ASP A 104 -5.93 -8.78 1.60
C ASP A 104 -7.43 -8.56 1.57
N GLU A 105 -7.85 -7.60 0.76
CA GLU A 105 -9.26 -7.26 0.64
C GLU A 105 -9.77 -7.29 -0.76
N LYS A 106 -11.07 -7.54 -0.82
CA LYS A 106 -11.82 -7.45 -2.07
C LYS A 106 -13.03 -6.54 -1.80
N LEU A 107 -13.13 -5.51 -2.63
CA LEU A 107 -14.18 -4.52 -2.49
C LEU A 107 -15.14 -4.59 -3.63
N ARG A 108 -16.41 -4.50 -3.26
CA ARG A 108 -17.54 -4.46 -4.17
C ARG A 108 -18.62 -3.51 -3.68
N ALA A 109 -19.37 -3.01 -4.64
CA ALA A 109 -20.69 -2.34 -4.41
C ALA A 109 -21.76 -3.36 -4.59
N VAL A 110 -22.62 -3.47 -3.60
CA VAL A 110 -23.66 -4.48 -3.51
C VAL A 110 -24.96 -3.82 -3.10
N ALA A 111 -26.03 -4.50 -3.36
CA ALA A 111 -27.37 -4.07 -2.86
C ALA A 111 -27.55 -4.55 -1.45
N ALA A 112 -28.01 -3.69 -0.55
CA ALA A 112 -28.31 -4.09 0.83
C ALA A 112 -29.34 -5.22 0.81
N SER A 113 -28.93 -6.32 1.45
CA SER A 113 -29.71 -7.54 1.49
C SER A 113 -30.85 -7.31 2.50
N PRO A 114 -31.94 -8.07 2.35
CA PRO A 114 -32.99 -8.04 3.33
C PRO A 114 -32.42 -8.20 4.79
N GLU A 115 -31.41 -9.01 4.98
CA GLU A 115 -30.83 -9.19 6.34
C GLU A 115 -30.08 -7.96 6.89
N ILE A 116 -29.27 -7.36 6.04
CA ILE A 116 -28.37 -6.28 6.45
C ILE A 116 -29.04 -4.90 6.46
N ALA A 117 -29.98 -4.68 5.55
CA ALA A 117 -30.58 -3.37 5.36
C ALA A 117 -31.12 -2.84 6.71
N PRO A 118 -31.91 -3.65 7.43
CA PRO A 118 -32.44 -3.15 8.69
C PRO A 118 -31.39 -2.83 9.68
N LEU A 119 -30.25 -3.54 9.64
CA LEU A 119 -29.21 -3.31 10.66
C LEU A 119 -28.43 -1.96 10.35
N LEU A 120 -28.55 -1.45 9.16
CA LEU A 120 -27.95 -0.15 8.83
C LEU A 120 -29.03 0.93 8.69
N GLY A 121 -30.27 0.56 8.92
CA GLY A 121 -31.33 1.56 8.91
C GLY A 121 -31.69 2.04 7.52
N VAL A 122 -31.59 1.14 6.57
CA VAL A 122 -31.82 1.47 5.17
C VAL A 122 -32.68 0.46 4.48
N GLU A 123 -33.12 0.86 3.31
CA GLU A 123 -34.04 0.06 2.53
C GLU A 123 -33.24 -1.04 1.83
N PRO A 124 -33.78 -2.27 1.81
CA PRO A 124 -33.21 -3.28 0.91
C PRO A 124 -32.98 -2.73 -0.49
N GLY A 125 -31.81 -2.98 -1.02
CA GLY A 125 -31.47 -2.49 -2.33
C GLY A 125 -30.46 -1.35 -2.31
N ARG A 126 -30.43 -0.63 -1.21
CA ARG A 126 -29.53 0.54 -1.05
C ARG A 126 -28.09 0.07 -1.40
N PRO A 127 -27.34 0.87 -2.19
CA PRO A 127 -25.91 0.61 -2.39
C PRO A 127 -25.07 0.70 -1.11
N LEU A 128 -24.32 -0.39 -0.88
CA LEU A 128 -23.37 -0.60 0.21
C LEU A 128 -22.01 -1.03 -0.36
N LEU A 129 -21.00 -0.63 0.37
CA LEU A 129 -19.64 -1.06 0.12
C LEU A 129 -19.39 -2.35 0.92
N GLN A 130 -19.13 -3.41 0.18
CA GLN A 130 -18.74 -4.66 0.77
C GLN A 130 -17.23 -4.83 0.73
N VAL A 131 -16.63 -4.99 1.93
CA VAL A 131 -15.21 -5.23 2.12
C VAL A 131 -14.95 -6.63 2.72
N ASP A 132 -14.39 -7.50 1.90
CA ASP A 132 -14.05 -8.86 2.30
C ASP A 132 -12.55 -8.92 2.52
N ARG A 133 -12.19 -9.13 3.75
CA ARG A 133 -10.81 -9.13 4.21
C ARG A 133 -10.36 -10.47 4.78
N ILE A 134 -9.17 -10.82 4.43
CA ILE A 134 -8.36 -11.79 5.15
C ILE A 134 -7.10 -11.12 5.74
N SER A 135 -6.97 -11.29 7.05
CA SER A 135 -5.88 -10.73 7.84
C SER A 135 -4.93 -11.82 8.17
N TYR A 136 -3.67 -11.44 8.09
CA TYR A 136 -2.56 -12.32 8.28
C TYR A 136 -1.66 -11.85 9.42
N THR A 137 -1.15 -12.81 10.13
CA THR A 137 -0.17 -12.56 11.15
C THR A 137 1.15 -12.98 10.58
N TYR A 138 2.11 -12.96 11.47
CA TYR A 138 3.50 -13.45 11.20
C TYR A 138 3.50 -14.85 10.59
N GLY A 139 4.14 -14.92 9.43
CA GLY A 139 4.44 -16.18 8.78
C GLY A 139 3.42 -16.46 7.71
N ASP A 140 2.77 -15.40 7.29
CA ASP A 140 1.64 -15.46 6.33
C ASP A 140 0.63 -16.47 6.75
N ARG A 141 0.37 -16.51 8.06
CA ARG A 141 -0.73 -17.29 8.61
C ARG A 141 -1.98 -16.42 8.65
N PRO A 142 -3.02 -16.86 7.91
CA PRO A 142 -4.30 -16.19 8.09
C PRO A 142 -4.89 -16.40 9.44
N GLU A 144 -7.82 -14.18 10.39
CA GLU A 144 -9.17 -13.58 10.43
C GLU A 144 -9.73 -13.41 9.08
N VAL A 145 -10.99 -13.74 9.02
CA VAL A 145 -11.83 -13.44 7.87
C VAL A 145 -12.82 -12.45 8.38
N ARG A 146 -12.97 -11.35 7.69
CA ARG A 146 -13.87 -10.31 8.15
C ARG A 146 -14.62 -9.83 6.93
N ARG A 147 -15.94 -9.87 7.04
CA ARG A 147 -16.80 -9.31 5.96
C ARG A 147 -17.52 -8.07 6.52
N GLY A 148 -17.21 -6.93 5.96
CA GLY A 148 -17.85 -5.67 6.37
C GLY A 148 -18.80 -5.14 5.30
N LEU A 149 -19.96 -4.68 5.73
CA LEU A 149 -20.86 -3.91 4.86
C LEU A 149 -20.98 -2.49 5.46
N TYR A 150 -20.62 -1.56 4.60
CA TYR A 150 -20.47 -0.17 4.89
C TYR A 150 -21.49 0.69 4.13
N LEU A 151 -22.17 1.54 4.90
CA LEU A 151 -23.05 2.61 4.39
C LEU A 151 -22.14 3.84 4.11
N THR A 152 -22.01 4.19 2.83
CA THR A 152 -21.08 5.28 2.41
C THR A 152 -21.79 6.49 1.94
N ASP A 153 -22.72 6.92 2.74
CA ASP A 153 -23.44 8.13 2.45
C ASP A 153 -22.73 9.35 3.05
N HIS A 154 -22.03 9.19 4.16
CA HIS A 154 -21.34 10.30 4.86
C HIS A 154 -19.84 10.08 5.04
N TYR A 155 -19.45 8.90 4.61
CA TYR A 155 -18.13 8.33 4.81
C TYR A 155 -17.73 7.62 3.52
N HIS A 156 -16.43 7.57 3.30
CA HIS A 156 -15.87 6.85 2.18
C HIS A 156 -14.71 6.03 2.70
N TYR A 157 -14.27 5.14 1.85
CA TYR A 157 -13.11 4.30 2.13
C TYR A 157 -11.90 4.94 1.46
N ARG A 158 -10.97 5.35 2.26
CA ARG A 158 -9.72 6.04 1.77
C ARG A 158 -8.60 5.08 1.40
N ASN A 159 -7.96 5.33 0.28
CA ASN A 159 -6.85 4.44 -0.14
C ASN A 159 -5.78 5.22 -0.90
N SER A 160 -4.53 5.06 -0.50
CA SER A 160 -3.47 5.50 -1.30
C SER A 160 -2.72 4.36 -1.94
N LEU A 161 -2.42 4.62 -3.20
CA LEU A 161 -1.77 3.66 -4.10
CA LEU A 161 -1.80 3.64 -4.09
C LEU A 161 -0.43 4.14 -4.51
N ASN A 162 0.49 3.21 -4.52
CA ASN A 162 1.83 3.47 -5.03
C ASN A 162 1.94 3.18 -6.55
N VAL B 1 4.09 -2.47 -18.65
CA VAL B 1 3.00 -3.36 -18.20
C VAL B 1 1.66 -2.69 -18.39
N ARG B 2 0.61 -3.47 -18.30
CA ARG B 2 -0.72 -3.06 -18.74
C ARG B 2 -1.36 -1.98 -17.87
N TYR B 3 -1.28 -2.14 -16.55
CA TYR B 3 -1.99 -1.22 -15.67
C TYR B 3 -1.09 -0.46 -14.70
N ARG B 4 -1.47 0.78 -14.47
CA ARG B 4 -0.81 1.63 -13.47
C ARG B 4 -1.52 1.54 -12.10
N PHE B 5 -2.81 1.80 -12.10
CA PHE B 5 -3.53 1.85 -10.81
C PHE B 5 -4.78 1.00 -10.70
N LEU B 6 -5.25 0.53 -11.87
CA LEU B 6 -6.51 -0.24 -11.96
C LEU B 6 -6.44 -1.45 -11.11
N ARG B 7 -7.46 -1.60 -10.24
CA ARG B 7 -7.47 -2.69 -9.25
C ARG B 7 -8.56 -3.71 -9.48
N LEU B 8 -9.19 -3.59 -10.63
CA LEU B 8 -10.21 -4.56 -11.04
C LEU B 8 -9.64 -5.92 -11.27
N ALA B 9 -10.22 -6.88 -10.58
CA ALA B 9 -9.81 -8.25 -10.70
C ALA B 9 -11.04 -9.16 -10.81
N PRO B 10 -10.92 -10.26 -11.60
CA PRO B 10 -12.18 -10.97 -11.83
C PRO B 10 -12.54 -11.83 -10.67
N ASP B 11 -13.83 -12.03 -10.47
CA ASP B 11 -14.31 -12.87 -9.37
C ASP B 11 -13.97 -14.33 -9.72
N GLU B 12 -14.09 -14.65 -10.99
CA GLU B 12 -13.84 -16.01 -11.52
C GLU B 12 -12.35 -16.24 -11.65
N GLU B 13 -11.99 -17.50 -11.53
CA GLU B 13 -10.61 -17.95 -11.68
C GLU B 13 -9.96 -17.38 -12.92
N GLY B 14 -8.68 -17.05 -12.80
CA GLY B 14 -7.88 -16.68 -13.97
C GLY B 14 -7.41 -15.26 -14.06
N GLU B 15 -6.64 -15.02 -15.12
CA GLU B 15 -6.15 -13.69 -15.52
C GLU B 15 -7.37 -12.81 -15.80
N ALA B 19 -8.97 -6.03 -20.96
CA ALA B 19 -9.59 -4.71 -20.67
C ALA B 19 -9.40 -3.78 -21.85
N GLU B 20 -10.53 -3.42 -22.45
CA GLU B 20 -10.55 -2.66 -23.68
C GLU B 20 -11.12 -1.30 -23.37
N SER B 21 -10.48 -0.26 -23.88
CA SER B 21 -10.90 1.13 -23.65
C SER B 21 -11.50 1.77 -24.91
N ARG B 22 -12.55 2.55 -24.71
CA ARG B 22 -13.25 3.25 -25.79
C ARG B 22 -13.54 4.67 -25.28
N ILE B 23 -13.09 5.65 -26.05
CA ILE B 23 -13.30 7.07 -25.75
C ILE B 23 -14.74 7.44 -26.15
N LEU B 24 -15.43 8.04 -25.19
CA LEU B 24 -16.79 8.46 -25.29
C LEU B 24 -16.92 9.95 -25.56
N GLU B 25 -16.07 10.69 -24.89
CA GLU B 25 -16.08 12.14 -24.90
C GLU B 25 -14.71 12.67 -24.69
N CYS B 26 -14.50 13.81 -25.30
CA CYS B 26 -13.26 14.52 -25.19
C CYS B 26 -13.48 16.01 -25.52
N ARG B 27 -13.00 16.85 -24.63
CA ARG B 27 -13.12 18.27 -24.80
C ARG B 27 -12.35 19.04 -23.79
N ARG B 28 -12.21 20.31 -24.10
CA ARG B 28 -11.52 21.28 -23.26
C ARG B 28 -12.53 22.21 -22.64
N LEU B 29 -12.35 22.47 -21.36
CA LEU B 29 -13.22 23.37 -20.68
C LEU B 29 -12.55 24.09 -19.50
N ARG B 30 -13.26 25.10 -19.02
CA ARG B 30 -12.86 25.78 -17.81
C ARG B 30 -13.03 24.83 -16.64
N ALA B 31 -12.01 24.69 -15.81
CA ALA B 31 -12.07 23.77 -14.71
C ALA B 31 -13.23 24.10 -13.76
N PRO B 32 -14.07 23.12 -13.41
CA PRO B 32 -14.91 23.31 -12.26
C PRO B 32 -14.05 23.64 -11.02
N ALA B 33 -14.61 24.40 -10.12
CA ALA B 33 -13.89 24.88 -8.93
C ALA B 33 -13.20 23.75 -8.12
N GLU B 34 -13.92 22.64 -8.01
CA GLU B 34 -13.44 21.46 -7.23
C GLU B 34 -12.28 20.77 -7.93
N ILE B 35 -12.35 20.83 -9.24
CA ILE B 35 -11.30 20.26 -10.13
C ILE B 35 -10.07 21.15 -10.06
N ALA B 36 -10.31 22.45 -10.13
CA ALA B 36 -9.20 23.47 -10.02
C ALA B 36 -8.48 23.29 -8.72
N ARG B 37 -9.22 22.96 -7.69
CA ARG B 37 -8.63 22.80 -6.35
C ARG B 37 -7.84 21.48 -6.25
N ALA B 38 -8.37 20.42 -6.83
CA ALA B 38 -7.70 19.09 -6.77
C ALA B 38 -6.36 19.10 -7.56
N LEU B 39 -6.35 19.91 -8.64
CA LEU B 39 -5.22 19.99 -9.58
C LEU B 39 -4.29 21.18 -9.28
N GLU B 40 -4.63 21.90 -8.21
CA GLU B 40 -3.94 23.08 -7.73
C GLU B 40 -3.75 24.06 -8.85
N LEU B 41 -4.84 24.34 -9.53
CA LEU B 41 -4.84 25.29 -10.63
C LEU B 41 -5.36 26.62 -10.16
N ARG B 42 -5.00 27.65 -10.93
CA ARG B 42 -5.61 28.97 -10.83
C ARG B 42 -7.02 28.86 -11.33
N ALA B 43 -7.87 29.77 -10.86
CA ALA B 43 -9.26 29.77 -11.27
C ALA B 43 -9.35 30.13 -12.73
N GLY B 44 -10.15 29.37 -13.44
CA GLY B 44 -10.40 29.70 -14.82
C GLY B 44 -9.43 28.99 -15.72
N GLU B 45 -8.50 28.22 -15.13
CA GLU B 45 -7.62 27.37 -15.99
C GLU B 45 -8.46 26.34 -16.73
N THR B 46 -8.04 26.13 -17.96
CA THR B 46 -8.56 25.13 -18.86
C THR B 46 -8.01 23.77 -18.49
N VAL B 47 -8.93 22.82 -18.52
CA VAL B 47 -8.63 21.39 -18.43
C VAL B 47 -9.19 20.62 -19.65
N VAL B 48 -8.50 19.54 -19.96
CA VAL B 48 -8.99 18.52 -20.85
C VAL B 48 -9.76 17.52 -20.04
N THR B 49 -10.94 17.19 -20.55
CA THR B 49 -11.74 16.17 -19.96
C THR B 49 -12.09 15.10 -20.99
N ILE B 50 -12.01 13.87 -20.51
CA ILE B 50 -12.23 12.68 -21.28
C ILE B 50 -13.21 11.83 -20.50
N ARG B 51 -14.21 11.31 -21.19
CA ARG B 51 -14.85 10.15 -20.69
C ARG B 51 -14.50 8.94 -21.51
N ARG B 52 -14.39 7.84 -20.81
CA ARG B 52 -14.15 6.59 -21.49
C ARG B 52 -14.80 5.43 -20.83
N GLN B 53 -15.05 4.42 -21.66
CA GLN B 53 -15.56 3.14 -21.21
C GLN B 53 -14.48 2.05 -21.23
N LEU B 54 -14.33 1.35 -20.13
CA LEU B 54 -13.60 0.05 -20.12
C LEU B 54 -14.55 -1.14 -20.14
N SER B 55 -14.19 -2.11 -20.95
CA SER B 55 -14.89 -3.37 -21.03
C SER B 55 -13.97 -4.49 -20.77
N ASN B 57 -14.28 -8.92 -20.85
CA ASN B 57 -15.12 -10.03 -21.26
C ASN B 57 -16.20 -9.51 -22.18
N HIS B 58 -15.84 -8.51 -22.96
CA HIS B 58 -16.76 -7.90 -23.96
C HIS B 58 -18.04 -7.35 -23.33
N PRO B 60 -19.20 -3.95 -20.64
CA PRO B 60 -18.84 -2.67 -20.04
C PRO B 60 -18.73 -2.81 -18.57
N THR B 61 -17.61 -2.33 -18.04
CA THR B 61 -17.31 -2.50 -16.62
C THR B 61 -17.04 -1.21 -15.90
N VAL B 62 -16.46 -0.24 -16.61
CA VAL B 62 -16.04 1.00 -16.00
C VAL B 62 -16.44 2.16 -16.88
N ILE B 63 -17.01 3.18 -16.26
CA ILE B 63 -17.03 4.49 -16.90
C ILE B 63 -16.17 5.44 -16.10
N ASP B 64 -15.16 5.99 -16.78
CA ASP B 64 -14.21 6.89 -16.17
C ASP B 64 -14.39 8.24 -16.79
N ASP B 65 -14.41 9.23 -15.92
CA ASP B 65 -14.31 10.70 -16.28
C ASP B 65 -12.99 11.23 -15.74
N LEU B 66 -12.20 11.84 -16.63
CA LEU B 66 -10.84 12.30 -16.34
C LEU B 66 -10.75 13.81 -16.59
N TRP B 67 -10.01 14.47 -15.73
CA TRP B 67 -9.68 15.92 -15.94
C TRP B 67 -8.15 16.10 -15.82
N LEU B 68 -7.57 16.71 -16.83
CA LEU B 68 -6.13 16.95 -16.93
C LEU B 68 -5.87 18.46 -17.11
N PRO B 69 -4.79 18.99 -16.50
CA PRO B 69 -4.30 20.38 -16.73
C PRO B 69 -4.02 20.66 -18.19
N GLY B 70 -4.69 21.67 -18.70
CA GLY B 70 -4.62 21.96 -20.12
C GLY B 70 -3.21 22.28 -20.57
N THR B 71 -2.47 22.94 -19.67
CA THR B 71 -1.08 23.34 -19.89
C THR B 71 -0.18 22.19 -20.33
N HIS B 72 -0.26 21.14 -19.59
CA HIS B 72 0.62 19.98 -19.82
C HIS B 72 0.10 19.03 -20.88
N PHE B 73 -1.09 19.31 -21.36
CA PHE B 73 -1.77 18.28 -22.17
C PHE B 73 -2.31 18.89 -23.42
N ARG B 74 -1.64 19.95 -23.83
CA ARG B 74 -2.09 20.70 -25.04
C ARG B 74 -2.28 19.81 -26.26
N GLY B 75 -1.35 18.90 -26.49
CA GLY B 75 -1.44 18.04 -27.71
C GLY B 75 -2.41 16.87 -27.68
N LEU B 76 -3.15 16.76 -26.58
CA LEU B 76 -4.04 15.64 -26.37
C LEU B 76 -5.31 15.85 -27.20
N THR B 77 -5.43 15.09 -28.28
CA THR B 77 -6.63 15.21 -29.12
C THR B 77 -7.39 13.92 -29.16
N LEU B 78 -8.60 14.02 -29.71
CA LEU B 78 -9.47 12.85 -29.85
C LEU B 78 -8.79 11.86 -30.81
N GLU B 79 -8.21 12.45 -31.86
CA GLU B 79 -7.62 11.67 -32.93
C GLU B 79 -6.40 10.93 -32.35
N LEU B 80 -5.72 11.59 -31.44
CA LEU B 80 -4.57 10.97 -30.77
C LEU B 80 -5.06 9.81 -29.91
N LEU B 81 -6.10 10.07 -29.15
CA LEU B 81 -6.66 9.06 -28.25
C LEU B 81 -7.18 7.81 -28.94
N THR B 82 -7.89 7.98 -30.05
CA THR B 82 -8.63 6.86 -30.61
C THR B 82 -7.73 6.09 -31.55
N ALA B 83 -6.62 6.71 -31.94
CA ALA B 83 -5.61 6.04 -32.76
C ALA B 83 -4.67 5.29 -31.82
N SER B 84 -4.60 5.75 -30.58
CA SER B 84 -3.65 5.16 -29.61
C SER B 84 -4.00 3.73 -29.21
N LYS B 85 -2.98 2.90 -29.27
CA LYS B 85 -3.10 1.47 -28.90
C LYS B 85 -2.67 1.33 -27.42
N ALA B 86 -2.23 2.43 -26.84
CA ALA B 86 -1.73 2.44 -25.48
C ALA B 86 -2.82 2.67 -24.43
N PRO B 87 -2.63 2.06 -23.28
CA PRO B 87 -3.31 2.49 -22.07
C PRO B 87 -3.12 4.00 -21.86
N LEU B 88 -4.15 4.69 -21.37
CA LEU B 88 -4.04 6.11 -21.07
C LEU B 88 -2.81 6.53 -20.22
N TYR B 89 -2.53 5.88 -19.09
CA TYR B 89 -1.31 6.23 -18.33
C TYR B 89 -0.02 6.02 -19.14
N GLY B 90 -0.07 5.05 -20.07
CA GLY B 90 1.05 4.79 -20.96
C GLY B 90 1.24 5.95 -21.92
N LEU B 91 0.12 6.49 -22.46
CA LEU B 91 0.13 7.63 -23.40
C LEU B 91 0.67 8.86 -22.67
N PHE B 92 0.20 9.05 -21.44
CA PHE B 92 0.56 10.27 -20.67
C PHE B 92 2.08 10.27 -20.43
N GLU B 93 2.61 9.10 -20.12
CA GLU B 93 4.04 8.89 -19.98
C GLU B 93 4.84 9.16 -21.23
N SER B 94 4.46 8.48 -22.31
CA SER B 94 5.29 8.39 -23.49
C SER B 94 5.08 9.61 -24.35
N GLU B 95 3.88 10.15 -24.41
CA GLU B 95 3.61 11.27 -25.29
C GLU B 95 3.75 12.58 -24.55
N PHE B 96 3.53 12.58 -23.25
CA PHE B 96 3.45 13.84 -22.49
C PHE B 96 4.45 13.89 -21.36
N GLY B 97 5.19 12.80 -21.17
CA GLY B 97 6.27 12.75 -20.15
C GLY B 97 5.74 12.85 -18.72
N VAL B 98 4.48 12.47 -18.56
CA VAL B 98 3.84 12.49 -17.25
C VAL B 98 3.66 11.12 -16.65
N SER B 99 4.39 10.91 -15.57
CA SER B 99 4.49 9.65 -14.94
C SER B 99 4.03 9.76 -13.50
N VAL B 101 3.43 8.78 -9.67
CA VAL B 101 4.14 8.17 -8.58
C VAL B 101 3.17 7.71 -7.46
N ARG B 102 1.96 8.26 -7.44
CA ARG B 102 1.03 7.97 -6.34
C ARG B 102 -0.34 8.40 -6.75
N ALA B 103 -1.34 7.70 -6.23
CA ALA B 103 -2.75 8.05 -6.40
C ALA B 103 -3.41 8.01 -5.04
N ASP B 104 -4.21 9.02 -4.77
CA ASP B 104 -5.01 9.00 -3.56
C ASP B 104 -6.48 8.85 -4.00
N GLU B 105 -7.18 7.91 -3.37
CA GLU B 105 -8.55 7.60 -3.73
C GLU B 105 -9.53 7.60 -2.59
N LYS B 106 -10.76 7.84 -2.97
CA LYS B 106 -11.92 7.79 -2.09
C LYS B 106 -12.95 6.91 -2.78
N LEU B 107 -13.32 5.82 -2.10
CA LEU B 107 -14.24 4.83 -2.66
C LEU B 107 -15.52 4.83 -1.87
N ARG B 108 -16.59 4.72 -2.63
CA ARG B 108 -17.99 4.64 -2.08
C ARG B 108 -18.89 3.85 -3.01
N ALA B 109 -19.99 3.34 -2.45
CA ALA B 109 -21.02 2.69 -3.26
C ALA B 109 -22.11 3.71 -3.52
N VAL B 110 -22.52 3.75 -4.75
CA VAL B 110 -23.51 4.71 -5.24
C VAL B 110 -24.50 4.01 -6.14
N ALA B 111 -25.64 4.65 -6.33
CA ALA B 111 -26.67 4.23 -7.30
C ALA B 111 -26.31 4.64 -8.75
N ALA B 112 -26.42 3.74 -9.72
CA ALA B 112 -26.28 4.10 -11.14
C ALA B 112 -27.29 5.14 -11.53
N SER B 113 -26.76 6.22 -12.07
CA SER B 113 -27.58 7.35 -12.47
C SER B 113 -28.22 7.04 -13.81
N PRO B 114 -29.27 7.78 -14.15
CA PRO B 114 -29.88 7.57 -15.45
C PRO B 114 -28.91 7.80 -16.63
N GLU B 115 -27.94 8.66 -16.43
CA GLU B 115 -26.94 8.92 -17.50
C GLU B 115 -25.96 7.73 -17.60
N ILE B 116 -25.51 7.24 -16.47
CA ILE B 116 -24.46 6.24 -16.48
C ILE B 116 -24.91 4.83 -16.79
N ALA B 117 -26.11 4.51 -16.29
CA ALA B 117 -26.68 3.18 -16.29
C ALA B 117 -26.68 2.54 -17.68
N PRO B 118 -27.18 3.25 -18.71
CA PRO B 118 -27.17 2.74 -20.09
C PRO B 118 -25.76 2.43 -20.60
N LEU B 119 -24.78 3.17 -20.12
CA LEU B 119 -23.41 2.98 -20.60
C LEU B 119 -22.74 1.75 -19.95
N LEU B 120 -23.36 1.20 -18.92
CA LEU B 120 -22.85 -0.02 -18.25
C LEU B 120 -23.79 -1.19 -18.41
N GLY B 121 -24.83 -0.89 -19.16
CA GLY B 121 -25.85 -1.88 -19.52
C GLY B 121 -26.69 -2.28 -18.35
N VAL B 122 -26.87 -1.37 -17.41
CA VAL B 122 -27.65 -1.66 -16.21
C VAL B 122 -28.82 -0.73 -16.06
N GLU B 123 -29.66 -1.05 -15.09
CA GLU B 123 -30.80 -0.17 -14.83
C GLU B 123 -30.40 0.95 -13.86
N PRO B 124 -31.07 2.11 -13.98
CA PRO B 124 -30.89 3.16 -12.97
C PRO B 124 -31.11 2.63 -11.52
N GLY B 125 -30.16 2.91 -10.65
CA GLY B 125 -30.29 2.50 -9.25
C GLY B 125 -29.37 1.35 -8.91
N ARG B 126 -28.86 0.66 -9.94
CA ARG B 126 -27.91 -0.46 -9.71
C ARG B 126 -26.68 0.05 -8.90
N PRO B 127 -26.26 -0.73 -7.89
CA PRO B 127 -25.09 -0.36 -7.11
C PRO B 127 -23.83 -0.37 -7.91
N LEU B 128 -23.15 0.77 -7.87
CA LEU B 128 -21.82 0.91 -8.51
C LEU B 128 -20.78 1.29 -7.49
N LEU B 129 -19.55 0.85 -7.70
CA LEU B 129 -18.41 1.31 -6.89
C LEU B 129 -17.85 2.63 -7.57
N GLN B 130 -17.94 3.72 -6.83
CA GLN B 130 -17.30 4.98 -7.24
C GLN B 130 -15.91 5.09 -6.67
N VAL B 131 -14.94 5.27 -7.55
CA VAL B 131 -13.54 5.49 -7.17
C VAL B 131 -13.11 6.89 -7.63
N ASP B 132 -12.98 7.80 -6.68
CA ASP B 132 -12.53 9.16 -6.99
C ASP B 132 -11.03 9.25 -6.69
N ARG B 133 -10.29 9.53 -7.73
CA ARG B 133 -8.82 9.49 -7.73
C ARG B 133 -8.20 10.87 -8.08
N ILE B 134 -7.18 11.22 -7.28
CA ILE B 134 -6.19 12.19 -7.72
C ILE B 134 -4.82 11.48 -7.79
N SER B 135 -4.18 11.66 -8.94
CA SER B 135 -2.88 11.10 -9.25
C SER B 135 -1.82 12.15 -9.27
N TYR B 136 -0.64 11.75 -8.78
CA TYR B 136 0.44 12.66 -8.52
C TYR B 136 1.70 12.22 -9.26
N THR B 137 2.40 13.19 -9.79
CA THR B 137 3.72 12.97 -10.36
C THR B 137 4.69 13.29 -9.22
N TYR B 138 5.95 13.31 -9.56
CA TYR B 138 7.02 13.68 -8.61
C TYR B 138 6.88 15.09 -7.97
N GLY B 139 7.14 15.16 -6.68
CA GLY B 139 7.08 16.43 -5.95
C GLY B 139 5.66 16.67 -5.49
N ASP B 140 4.85 15.63 -5.58
CA ASP B 140 3.48 15.74 -5.12
C ASP B 140 2.68 16.76 -5.93
N ARG B 141 2.90 16.71 -7.23
CA ARG B 141 2.19 17.62 -8.15
C ARG B 141 1.01 16.86 -8.69
N PRO B 142 -0.23 17.35 -8.48
CA PRO B 142 -1.34 16.58 -9.05
C PRO B 142 -1.44 16.84 -10.53
N GLU B 144 -3.78 14.60 -12.48
CA GLU B 144 -5.03 13.97 -12.92
C GLU B 144 -6.03 13.87 -11.87
N VAL B 145 -7.28 14.21 -12.26
CA VAL B 145 -8.47 13.77 -11.54
C VAL B 145 -9.21 12.73 -12.36
N ARG B 146 -9.56 11.63 -11.72
CA ARG B 146 -10.35 10.58 -12.37
C ARG B 146 -11.47 10.06 -11.48
N ARG B 147 -12.69 10.17 -11.93
CA ARG B 147 -13.81 9.56 -11.27
C ARG B 147 -14.23 8.31 -12.05
N GLY B 148 -14.12 7.16 -11.42
CA GLY B 148 -14.54 5.98 -12.11
C GLY B 148 -15.76 5.39 -11.48
N LEU B 149 -16.61 4.87 -12.33
CA LEU B 149 -17.79 4.12 -11.86
C LEU B 149 -17.65 2.70 -12.42
N TYR B 150 -17.59 1.77 -11.49
CA TYR B 150 -17.34 0.35 -11.71
C TYR B 150 -18.54 -0.52 -11.38
N LEU B 151 -18.90 -1.37 -12.34
CA LEU B 151 -19.85 -2.48 -12.15
C LEU B 151 -19.11 -3.69 -11.57
N THR B 152 -19.39 -4.02 -10.32
CA THR B 152 -18.56 -5.00 -9.64
C THR B 152 -19.38 -6.24 -9.48
N ASP B 153 -20.01 -6.68 -10.57
CA ASP B 153 -20.87 -7.83 -10.53
C ASP B 153 -20.04 -9.11 -10.83
N HIS B 154 -19.02 -8.99 -11.66
CA HIS B 154 -18.13 -10.12 -12.00
C HIS B 154 -16.66 -9.83 -11.70
N TYR B 155 -16.42 -8.62 -11.22
CA TYR B 155 -15.12 -8.09 -10.90
C TYR B 155 -15.22 -7.44 -9.53
N HIS B 156 -14.12 -7.44 -8.81
CA HIS B 156 -13.95 -6.67 -7.56
C HIS B 156 -12.69 -5.80 -7.63
N TYR B 157 -12.58 -4.90 -6.64
CA TYR B 157 -11.41 -4.06 -6.45
C TYR B 157 -10.54 -4.73 -5.42
N ARG B 158 -9.39 -5.13 -5.86
CA ARG B 158 -8.39 -5.83 -5.00
C ARG B 158 -7.47 -4.80 -4.29
N ASN B 159 -7.32 -4.94 -2.99
CA ASN B 159 -6.44 -4.09 -2.22
C ASN B 159 -5.69 -4.88 -1.18
N SER B 160 -4.39 -4.72 -1.15
CA SER B 160 -3.55 -5.18 -0.05
C SER B 160 -3.20 -4.05 0.88
N LEU B 161 -3.31 -4.32 2.15
CA LEU B 161 -3.03 -3.36 3.23
C LEU B 161 -1.88 -3.84 4.07
N ASN B 162 -1.02 -2.90 4.42
CA ASN B 162 0.07 -3.16 5.36
C ASN B 162 -0.33 -2.85 6.80
N VAL C 1 -4.38 -0.45 18.69
CA VAL C 1 -3.26 -1.37 18.28
C VAL C 1 -1.93 -0.72 18.47
N ARG C 2 -0.94 -1.57 18.48
CA ARG C 2 0.41 -1.17 18.84
C ARG C 2 1.07 -0.18 17.88
N TYR C 3 0.96 -0.43 16.56
CA TYR C 3 1.69 0.37 15.57
C TYR C 3 0.79 1.02 14.54
N ARG C 4 1.21 2.21 14.12
CA ARG C 4 0.57 2.97 13.10
C ARG C 4 1.32 2.74 11.78
N PHE C 5 2.61 2.97 11.80
CA PHE C 5 3.36 2.94 10.53
C PHE C 5 4.55 2.07 10.50
N LEU C 6 4.98 1.65 11.67
CA LEU C 6 6.23 0.89 11.82
C LEU C 6 6.17 -0.41 11.06
N ARG C 7 7.16 -0.69 10.19
CA ARG C 7 7.13 -1.87 9.32
C ARG C 7 8.23 -2.87 9.69
N LEU C 8 8.85 -2.63 10.84
CA LEU C 8 9.84 -3.57 11.37
C LEU C 8 9.23 -4.93 11.71
N ALA C 9 9.89 -5.96 11.20
CA ALA C 9 9.46 -7.33 11.43
C ALA C 9 10.66 -8.20 11.66
N PRO C 10 10.53 -9.21 12.53
CA PRO C 10 11.72 -9.99 12.74
C PRO C 10 12.04 -10.94 11.64
N ASP C 11 13.33 -11.22 11.54
CA ASP C 11 13.84 -12.18 10.56
C ASP C 11 13.48 -13.60 10.97
N GLU C 12 13.58 -13.83 12.26
CA GLU C 12 13.29 -15.11 12.88
C GLU C 12 11.82 -15.30 13.12
N GLU C 13 11.46 -16.58 13.11
CA GLU C 13 10.09 -17.02 13.40
C GLU C 13 9.55 -16.31 14.64
N GLY C 14 8.28 -15.93 14.52
CA GLY C 14 7.53 -15.44 15.65
C GLY C 14 7.03 -14.03 15.54
N GLU C 15 6.29 -13.70 16.58
CA GLU C 15 5.69 -12.37 16.74
C GLU C 15 6.89 -11.47 17.06
N GLY C 16 6.94 -10.29 16.46
CA GLY C 16 8.05 -9.39 16.74
C GLY C 16 8.02 -8.96 18.21
N GLY C 17 8.92 -9.42 19.07
CA GLY C 17 8.92 -8.85 20.40
C GLY C 17 8.63 -7.38 20.15
N ARG C 18 7.73 -6.79 20.93
CA ARG C 18 7.30 -5.38 20.70
C ARG C 18 8.37 -4.38 21.09
N ALA C 19 8.40 -3.29 20.34
CA ALA C 19 9.39 -2.27 20.55
C ALA C 19 9.15 -1.52 21.87
N GLU C 20 10.25 -1.32 22.57
CA GLU C 20 10.34 -0.45 23.76
C GLU C 20 10.92 0.90 23.29
N SER C 21 10.33 2.01 23.72
CA SER C 21 10.74 3.37 23.33
C SER C 21 11.40 4.08 24.51
N ARG C 22 12.44 4.83 24.22
CA ARG C 22 13.16 5.58 25.23
C ARG C 22 13.47 6.92 24.61
N ILE C 23 13.02 7.99 25.27
CA ILE C 23 13.22 9.37 24.76
C ILE C 23 14.65 9.81 25.07
N LEU C 24 15.34 10.29 24.05
CA LEU C 24 16.74 10.66 24.19
C LEU C 24 16.94 12.20 24.29
N GLU C 25 16.14 12.89 23.51
CA GLU C 25 16.16 14.33 23.39
C GLU C 25 14.79 14.85 23.15
N CYS C 26 14.58 16.06 23.65
CA CYS C 26 13.32 16.77 23.42
C CYS C 26 13.55 18.26 23.60
N ARG C 27 13.30 19.03 22.56
CA ARG C 27 13.61 20.47 22.52
C ARG C 27 12.63 21.15 21.58
N ARG C 28 12.44 22.44 21.78
CA ARG C 28 11.79 23.27 20.79
C ARG C 28 12.85 24.07 20.06
N LEU C 29 12.66 24.24 18.76
CA LEU C 29 13.55 25.05 17.97
C LEU C 29 12.92 25.65 16.73
N ARG C 30 13.67 26.55 16.12
CA ARG C 30 13.27 27.17 14.84
C ARG C 30 13.40 26.07 13.79
N ALA C 31 12.34 25.85 13.02
CA ALA C 31 12.37 24.86 11.96
C ALA C 31 13.56 25.12 10.99
N PRO C 32 14.47 24.12 10.77
CA PRO C 32 15.33 24.20 9.59
C PRO C 32 14.42 24.34 8.38
N ALA C 33 14.92 24.95 7.32
CA ALA C 33 14.08 25.33 6.18
C ALA C 33 13.44 24.12 5.50
N GLU C 34 14.18 23.03 5.46
CA GLU C 34 13.71 21.76 4.86
C GLU C 34 12.52 21.19 5.63
N ILE C 35 12.61 21.29 6.94
CA ILE C 35 11.52 20.91 7.88
C ILE C 35 10.26 21.78 7.71
N ALA C 36 10.47 23.08 7.62
CA ALA C 36 9.39 24.06 7.46
C ALA C 36 8.66 23.84 6.16
N ARG C 37 9.40 23.43 5.14
CA ARG C 37 8.77 23.18 3.84
CA ARG C 37 8.85 23.11 3.80
C ARG C 37 7.98 21.85 3.86
N ALA C 38 8.52 20.85 4.52
CA ALA C 38 7.85 19.54 4.62
C ALA C 38 6.52 19.67 5.39
N LEU C 39 6.52 20.54 6.38
CA LEU C 39 5.38 20.77 7.32
C LEU C 39 4.50 21.93 6.88
N GLU C 40 4.86 22.50 5.75
CA GLU C 40 4.14 23.64 5.17
C GLU C 40 4.00 24.74 6.21
N LEU C 41 5.11 25.04 6.88
CA LEU C 41 5.17 26.14 7.85
C LEU C 41 5.74 27.43 7.25
N ARG C 42 5.46 28.54 7.92
CA ARG C 42 6.10 29.81 7.61
C ARG C 42 7.51 29.71 8.09
N ALA C 43 8.38 30.46 7.43
CA ALA C 43 9.76 30.56 7.87
C ALA C 43 9.77 31.08 9.29
N GLY C 44 10.52 30.39 10.12
CA GLY C 44 10.79 30.89 11.41
C GLY C 44 9.88 30.26 12.40
N GLU C 45 8.98 29.42 11.91
CA GLU C 45 8.08 28.72 12.83
C GLU C 45 8.85 27.75 13.70
N THR C 46 8.41 27.69 14.95
CA THR C 46 8.91 26.78 15.96
C THR C 46 8.32 25.39 15.77
N VAL C 47 9.21 24.40 15.94
CA VAL C 47 8.89 22.98 15.93
C VAL C 47 9.40 22.32 17.22
N VAL C 48 8.66 21.33 17.67
CA VAL C 48 9.15 20.45 18.73
C VAL C 48 9.90 19.35 18.04
N THR C 49 11.07 19.05 18.58
CA THR C 49 11.79 17.90 18.10
C THR C 49 12.09 16.92 19.21
N ILE C 50 11.90 15.66 18.84
CA ILE C 50 12.19 14.55 19.70
C ILE C 50 13.14 13.59 19.00
N ARG C 51 14.12 13.13 19.75
CA ARG C 51 14.89 11.93 19.41
C ARG C 51 14.52 10.77 20.33
N ARG C 52 14.24 9.63 19.72
CA ARG C 52 14.02 8.43 20.57
C ARG C 52 14.68 7.19 20.04
N GLN C 53 14.87 6.26 20.95
CA GLN C 53 15.40 4.94 20.59
C GLN C 53 14.30 3.88 20.78
N LEU C 54 14.08 3.10 19.74
CA LEU C 54 13.37 1.83 19.86
C LEU C 54 14.33 0.69 20.01
N SER C 55 13.95 -0.18 20.91
CA SER C 55 14.65 -1.42 21.17
C SER C 55 13.67 -2.59 21.04
N ASN C 57 13.68 -6.92 21.59
CA ASN C 57 14.41 -8.00 22.23
C ASN C 57 15.63 -7.49 22.97
N HIS C 58 15.48 -6.33 23.58
CA HIS C 58 16.52 -5.71 24.44
C HIS C 58 17.76 -5.25 23.67
N PRO C 60 18.97 -2.19 20.85
CA PRO C 60 18.55 -0.99 20.10
C PRO C 60 18.49 -1.30 18.64
N THR C 61 17.44 -0.81 18.02
CA THR C 61 17.12 -1.15 16.65
C THR C 61 16.82 0.06 15.77
N VAL C 62 16.24 1.09 16.38
CA VAL C 62 15.87 2.35 15.68
C VAL C 62 16.27 3.58 16.46
N ILE C 63 16.81 4.56 15.75
CA ILE C 63 16.90 5.92 16.25
C ILE C 63 16.03 6.80 15.35
N ASP C 64 15.00 7.35 15.98
CA ASP C 64 14.03 8.24 15.29
C ASP C 64 14.26 9.68 15.74
N ASP C 65 14.31 10.58 14.78
CA ASP C 65 14.25 12.03 15.01
C ASP C 65 12.92 12.47 14.43
N LEU C 66 12.17 13.25 15.20
CA LEU C 66 10.82 13.71 14.81
C LEU C 66 10.78 15.23 14.93
N TRP C 67 9.99 15.84 14.08
CA TRP C 67 9.78 17.27 14.13
C TRP C 67 8.26 17.47 13.97
N LEU C 68 7.69 18.20 14.88
CA LEU C 68 6.27 18.50 14.95
C LEU C 68 5.98 20.00 15.02
N PRO C 69 4.93 20.47 14.33
CA PRO C 69 4.64 21.93 14.35
C PRO C 69 4.32 22.42 15.80
N GLY C 70 5.07 23.42 16.26
CA GLY C 70 5.00 23.88 17.66
C GLY C 70 3.54 24.19 18.00
N THR C 71 2.87 24.74 17.00
CA THR C 71 1.50 25.24 17.12
C THR C 71 0.58 24.17 17.68
N HIS C 72 0.61 22.99 17.09
CA HIS C 72 -0.36 21.96 17.48
C HIS C 72 0.11 21.12 18.66
N PHE C 73 1.35 21.32 19.07
CA PHE C 73 1.96 20.42 20.04
C PHE C 73 2.55 21.14 21.22
N ARG C 74 1.99 22.33 21.47
CA ARG C 74 2.44 23.17 22.59
C ARG C 74 2.43 22.43 23.91
N GLY C 75 1.48 21.53 24.10
CA GLY C 75 1.38 20.81 25.38
C GLY C 75 2.44 19.73 25.59
N LEU C 76 3.23 19.51 24.56
CA LEU C 76 4.14 18.36 24.53
C LEU C 76 5.34 18.66 25.39
N THR C 77 5.55 17.86 26.43
CA THR C 77 6.73 18.00 27.31
C THR C 77 7.48 16.70 27.48
N LEU C 78 8.65 16.79 28.07
CA LEU C 78 9.50 15.58 28.30
C LEU C 78 8.79 14.73 29.34
N GLU C 79 8.22 15.43 30.31
CA GLU C 79 7.54 14.77 31.41
C GLU C 79 6.39 13.94 30.87
N LEU C 80 5.68 14.53 29.88
CA LEU C 80 4.55 13.83 29.26
C LEU C 80 5.04 12.58 28.56
N LEU C 81 6.11 12.74 27.79
CA LEU C 81 6.67 11.66 26.98
C LEU C 81 7.16 10.50 27.81
N THR C 82 7.74 10.79 28.94
CA THR C 82 8.52 9.78 29.61
C THR C 82 7.63 9.09 30.60
N ALA C 83 6.51 9.75 30.94
CA ALA C 83 5.52 9.19 31.89
C ALA C 83 4.60 8.34 31.02
N SER C 84 4.37 8.81 29.79
CA SER C 84 3.48 8.11 28.85
C SER C 84 3.88 6.65 28.57
N LYS C 85 2.89 5.78 28.76
CA LYS C 85 3.02 4.34 28.48
C LYS C 85 2.58 4.10 26.99
N ALA C 86 2.08 5.16 26.36
CA ALA C 86 1.67 5.10 24.96
C ALA C 86 2.81 5.15 23.93
N PRO C 87 2.59 4.44 22.87
CA PRO C 87 3.29 4.74 21.65
C PRO C 87 3.06 6.20 21.25
N LEU C 88 4.06 6.80 20.63
CA LEU C 88 3.91 8.21 20.21
C LEU C 88 2.64 8.53 19.37
N TYR C 89 2.39 7.79 18.29
CA TYR C 89 1.22 8.10 17.44
C TYR C 89 -0.03 8.01 18.26
N GLY C 90 -0.06 7.10 19.20
CA GLY C 90 -1.25 6.98 20.09
C GLY C 90 -1.37 8.20 20.98
N LEU C 91 -0.22 8.68 21.48
CA LEU C 91 -0.18 9.90 22.30
C LEU C 91 -0.68 11.11 21.47
N PHE C 92 -0.23 11.22 20.23
CA PHE C 92 -0.59 12.35 19.40
C PHE C 92 -2.10 12.34 19.19
N GLU C 93 -2.66 11.15 19.06
CA GLU C 93 -4.12 10.97 18.88
C GLU C 93 -4.87 11.37 20.12
N SER C 94 -4.53 10.72 21.22
CA SER C 94 -5.29 10.91 22.46
C SER C 94 -5.10 12.24 23.17
N GLU C 95 -3.87 12.76 23.18
CA GLU C 95 -3.62 14.01 23.95
C GLU C 95 -3.74 15.22 23.05
N PHE C 96 -3.48 15.04 21.75
CA PHE C 96 -3.38 16.21 20.85
C PHE C 96 -4.43 16.18 19.72
N GLY C 97 -5.18 15.09 19.61
CA GLY C 97 -6.26 14.95 18.59
C GLY C 97 -5.70 14.94 17.18
N VAL C 98 -4.48 14.42 17.03
CA VAL C 98 -3.87 14.30 15.70
C VAL C 98 -3.76 12.84 15.24
N SER C 99 -4.59 12.46 14.25
CA SER C 99 -4.62 11.10 13.70
C SER C 99 -4.13 11.12 12.29
N VAL C 101 -3.60 9.73 8.61
CA VAL C 101 -4.29 8.96 7.62
C VAL C 101 -3.36 8.39 6.55
N ARG C 102 -2.22 9.04 6.36
CA ARG C 102 -1.24 8.63 5.37
C ARG C 102 0.14 8.99 5.80
N ALA C 103 1.10 8.27 5.26
CA ALA C 103 2.53 8.62 5.38
C ALA C 103 3.25 8.45 4.06
N ASP C 104 4.09 9.41 3.68
CA ASP C 104 4.87 9.28 2.44
C ASP C 104 6.34 9.10 2.94
N GLU C 105 6.99 8.04 2.48
CA GLU C 105 8.35 7.69 2.88
C GLU C 105 9.34 7.63 1.73
N LYS C 106 10.58 7.94 2.06
CA LYS C 106 11.75 7.81 1.20
C LYS C 106 12.78 6.96 1.95
N LEU C 107 13.06 5.77 1.39
CA LEU C 107 14.02 4.80 1.97
C LEU C 107 15.32 4.71 1.19
N ARG C 108 16.37 4.72 1.99
CA ARG C 108 17.75 4.59 1.49
CA ARG C 108 17.73 4.54 1.49
C ARG C 108 18.64 3.82 2.46
N ALA C 109 19.75 3.32 1.94
CA ALA C 109 20.78 2.72 2.80
C ALA C 109 21.90 3.71 2.95
N VAL C 110 22.27 3.87 4.21
CA VAL C 110 23.30 4.78 4.59
C VAL C 110 24.31 4.12 5.53
N ALA C 111 25.47 4.74 5.68
CA ALA C 111 26.47 4.39 6.73
C ALA C 111 26.15 5.05 8.07
N ALA C 112 26.24 4.25 9.13
CA ALA C 112 26.13 4.74 10.52
C ALA C 112 27.17 5.81 10.79
N SER C 113 26.66 6.98 11.14
CA SER C 113 27.49 8.15 11.48
C SER C 113 28.17 7.94 12.82
N PRO C 114 29.23 8.71 13.05
CA PRO C 114 29.87 8.72 14.33
C PRO C 114 28.89 8.99 15.47
N GLU C 115 27.85 9.80 15.24
CA GLU C 115 26.89 10.15 16.34
C GLU C 115 25.85 9.01 16.58
N ILE C 116 25.40 8.40 15.49
CA ILE C 116 24.37 7.36 15.56
C ILE C 116 24.90 6.00 15.97
N ALA C 117 26.09 5.67 15.51
CA ALA C 117 26.62 4.33 15.68
C ALA C 117 26.53 3.83 17.15
N PRO C 118 27.04 4.62 18.14
CA PRO C 118 27.00 4.09 19.51
C PRO C 118 25.57 4.00 20.09
N LEU C 119 24.63 4.72 19.50
CA LEU C 119 23.26 4.64 20.00
C LEU C 119 22.57 3.33 19.53
N LEU C 120 23.14 2.69 18.51
CA LEU C 120 22.63 1.42 17.96
C LEU C 120 23.52 0.24 18.25
N GLY C 121 24.60 0.55 18.93
CA GLY C 121 25.57 -0.45 19.39
C GLY C 121 26.46 -0.97 18.29
N VAL C 122 26.67 -0.15 17.29
CA VAL C 122 27.46 -0.56 16.12
C VAL C 122 28.65 0.34 15.84
N GLU C 123 29.46 -0.08 14.90
CA GLU C 123 30.64 0.68 14.51
C GLU C 123 30.28 1.73 13.48
N PRO C 124 30.95 2.89 13.51
CA PRO C 124 30.61 3.80 12.41
C PRO C 124 30.88 3.20 11.04
N GLY C 125 30.03 3.51 10.10
CA GLY C 125 30.15 2.93 8.75
C GLY C 125 29.20 1.77 8.52
N ARG C 126 28.66 1.23 9.61
CA ARG C 126 27.68 0.10 9.54
C ARG C 126 26.47 0.47 8.68
N PRO C 127 26.09 -0.42 7.74
CA PRO C 127 24.91 0.01 6.94
C PRO C 127 23.60 -0.01 7.76
N LEU C 128 22.86 1.08 7.60
CA LEU C 128 21.56 1.29 8.27
C LEU C 128 20.54 1.63 7.17
N LEU C 129 19.31 1.28 7.45
CA LEU C 129 18.13 1.62 6.62
C LEU C 129 17.60 2.96 7.13
N GLN C 130 17.66 3.96 6.25
CA GLN C 130 17.11 5.27 6.58
C GLN C 130 15.71 5.38 5.96
N VAL C 131 14.76 5.68 6.82
CA VAL C 131 13.34 5.86 6.47
C VAL C 131 12.99 7.33 6.79
N ASP C 132 12.87 8.14 5.74
CA ASP C 132 12.42 9.52 5.91
C ASP C 132 10.91 9.64 5.64
N ARG C 133 10.14 10.03 6.64
CA ARG C 133 8.66 10.02 6.58
C ARG C 133 8.07 11.43 6.77
N ILE C 134 7.08 11.73 5.97
CA ILE C 134 6.15 12.80 6.32
C ILE C 134 4.77 12.20 6.50
N SER C 135 4.13 12.49 7.63
CA SER C 135 2.82 11.95 7.98
C SER C 135 1.79 13.05 7.90
N TYR C 136 0.64 12.64 7.43
CA TYR C 136 -0.45 13.55 7.11
C TYR C 136 -1.72 13.22 7.90
N THR C 137 -2.41 14.26 8.29
CA THR C 137 -3.74 14.13 8.82
C THR C 137 -4.68 14.38 7.65
N TYR C 138 -5.95 14.27 7.93
CA TYR C 138 -7.02 14.74 6.99
C TYR C 138 -6.79 16.05 6.20
N GLY C 139 -7.11 15.98 4.94
CA GLY C 139 -7.03 17.16 4.10
C GLY C 139 -5.61 17.34 3.61
N ASP C 140 -4.81 16.29 3.72
CA ASP C 140 -3.39 16.30 3.27
C ASP C 140 -2.53 17.33 4.01
N ARG C 141 -2.86 17.47 5.29
CA ARG C 141 -2.13 18.41 6.16
C ARG C 141 -0.96 17.70 6.78
N PRO C 142 0.27 18.16 6.51
CA PRO C 142 1.42 17.50 7.11
C PRO C 142 1.56 17.86 8.59
N GLU C 144 3.84 15.75 10.85
CA GLU C 144 5.07 15.14 11.37
C GLU C 144 6.03 14.82 10.28
N VAL C 145 7.29 15.11 10.63
CA VAL C 145 8.45 14.67 9.90
C VAL C 145 9.22 13.75 10.79
N ARG C 146 9.50 12.55 10.30
CA ARG C 146 10.30 11.64 11.10
C ARG C 146 11.38 10.99 10.21
N ARG C 147 12.63 11.03 10.69
CA ARG C 147 13.70 10.31 10.12
C ARG C 147 14.16 9.20 11.03
N GLY C 148 14.01 7.98 10.52
CA GLY C 148 14.38 6.82 11.25
C GLY C 148 15.65 6.20 10.68
N LEU C 149 16.45 5.69 11.58
CA LEU C 149 17.61 4.92 11.19
C LEU C 149 17.50 3.60 11.89
N TYR C 150 17.47 2.55 11.08
CA TYR C 150 17.16 1.22 11.49
C TYR C 150 18.35 0.34 11.27
N LEU C 151 18.65 -0.42 12.31
CA LEU C 151 19.67 -1.49 12.22
C LEU C 151 18.89 -2.76 11.84
N THR C 152 19.10 -3.23 10.63
CA THR C 152 18.32 -4.31 10.04
C THR C 152 19.05 -5.64 10.07
N ASP C 153 19.76 -5.90 11.14
CA ASP C 153 20.44 -7.17 11.23
C ASP C 153 19.57 -8.36 11.73
N HIS C 154 18.51 -8.07 12.46
CA HIS C 154 17.65 -9.13 13.01
C HIS C 154 16.21 -8.85 12.64
N TYR C 155 16.04 -7.75 11.94
CA TYR C 155 14.74 -7.23 11.59
C TYR C 155 14.84 -6.66 10.14
N HIS C 156 13.71 -6.67 9.46
CA HIS C 156 13.57 -6.12 8.12
C HIS C 156 12.37 -5.18 8.13
N TYR C 157 12.28 -4.38 7.07
CA TYR C 157 11.09 -3.57 6.79
C TYR C 157 10.22 -4.34 5.78
N ARG C 158 9.03 -4.67 6.21
CA ARG C 158 8.04 -5.44 5.45
C ARG C 158 7.16 -4.52 4.66
N ASN C 159 6.99 -4.83 3.38
CA ASN C 159 6.17 -3.99 2.52
C ASN C 159 5.38 -4.87 1.55
N SER C 160 4.06 -4.69 1.51
CA SER C 160 3.24 -5.31 0.46
C SER C 160 2.87 -4.26 -0.53
N LEU C 161 2.92 -4.68 -1.79
CA LEU C 161 2.67 -3.78 -2.91
C LEU C 161 1.56 -4.33 -3.79
N ASN C 162 0.70 -3.41 -4.22
CA ASN C 162 -0.40 -3.72 -5.08
C ASN C 162 0.07 -3.53 -6.53
N VAL D 1 2.36 1.21 -18.91
CA VAL D 1 3.26 2.12 -18.19
C VAL D 1 4.58 1.37 -18.00
N ARG D 2 5.57 2.14 -17.64
CA ARG D 2 6.94 1.68 -17.65
C ARG D 2 7.25 0.65 -16.56
N TYR D 3 6.69 0.86 -15.37
CA TYR D 3 7.07 0.06 -14.18
C TYR D 3 5.84 -0.55 -13.53
N ARG D 4 6.02 -1.79 -13.06
CA ARG D 4 5.07 -2.56 -12.28
C ARG D 4 5.34 -2.37 -10.77
N PHE D 5 6.54 -2.66 -10.33
CA PHE D 5 6.83 -2.54 -8.91
C PHE D 5 7.95 -1.66 -8.49
N LEU D 6 8.82 -1.31 -9.44
CA LEU D 6 10.02 -0.50 -9.10
C LEU D 6 9.67 0.83 -8.43
N ARG D 7 10.32 1.07 -7.28
CA ARG D 7 9.99 2.23 -6.42
C ARG D 7 11.11 3.25 -6.40
N LEU D 8 12.12 3.04 -7.22
CA LEU D 8 13.21 4.05 -7.38
C LEU D 8 12.69 5.38 -7.88
N ALA D 9 13.07 6.41 -7.15
CA ALA D 9 12.80 7.79 -7.48
C ALA D 9 14.05 8.64 -7.22
N PRO D 10 14.32 9.64 -8.07
CA PRO D 10 15.47 10.48 -7.94
C PRO D 10 15.35 11.44 -6.77
N ASP D 11 16.49 11.73 -6.17
CA ASP D 11 16.50 12.57 -4.99
C ASP D 11 16.24 13.99 -5.44
N GLU D 12 16.60 14.28 -6.69
CA GLU D 12 16.43 15.59 -7.32
C GLU D 12 15.44 15.51 -8.50
N ARG D 18 12.86 5.37 -17.72
CA ARG D 18 14.16 5.94 -17.40
C ARG D 18 15.21 4.86 -17.01
N ALA D 19 14.87 3.84 -16.23
CA ALA D 19 15.86 2.80 -16.02
C ALA D 19 16.17 2.11 -17.33
N GLU D 20 17.46 1.80 -17.52
CA GLU D 20 17.95 0.98 -18.64
C GLU D 20 18.48 -0.36 -18.09
N SER D 21 18.07 -1.45 -18.72
CA SER D 21 18.41 -2.82 -18.26
C SER D 21 19.45 -3.50 -19.14
N ARG D 22 20.25 -4.35 -18.52
CA ARG D 22 21.20 -5.13 -19.26
C ARG D 22 21.22 -6.52 -18.61
N ILE D 23 21.15 -7.59 -19.42
CA ILE D 23 21.14 -8.97 -18.87
C ILE D 23 22.55 -9.42 -18.62
N LEU D 24 22.81 -9.93 -17.42
CA LEU D 24 24.16 -10.37 -17.07
C LEU D 24 24.29 -11.87 -17.31
N GLU D 25 23.23 -12.58 -16.97
CA GLU D 25 23.18 -14.02 -16.83
C GLU D 25 21.76 -14.50 -17.03
N CYS D 26 21.62 -15.61 -17.78
CA CYS D 26 20.32 -16.29 -17.94
C CYS D 26 20.59 -17.80 -17.97
N ARG D 27 19.93 -18.54 -17.11
CA ARG D 27 20.22 -19.94 -16.93
C ARG D 27 19.04 -20.73 -16.32
N ARG D 28 18.89 -21.97 -16.76
CA ARG D 28 17.93 -22.90 -16.20
C ARG D 28 18.66 -23.87 -15.30
N LEU D 29 18.06 -24.17 -14.15
CA LEU D 29 18.62 -25.07 -13.15
C LEU D 29 17.54 -25.68 -12.23
N ARG D 30 17.89 -26.78 -11.56
CA ARG D 30 17.10 -27.33 -10.43
C ARG D 30 17.00 -26.25 -9.37
N ALA D 31 15.79 -26.00 -8.92
CA ALA D 31 15.50 -24.94 -7.92
C ALA D 31 16.25 -25.22 -6.60
N PRO D 32 17.02 -24.25 -6.11
CA PRO D 32 17.53 -24.45 -4.75
C PRO D 32 16.39 -24.50 -3.75
N ALA D 33 16.66 -25.14 -2.60
CA ALA D 33 15.63 -25.39 -1.59
C ALA D 33 14.74 -24.17 -1.33
N GLU D 34 15.39 -23.04 -1.19
CA GLU D 34 14.77 -21.83 -0.66
C GLU D 34 13.78 -21.32 -1.70
N ILE D 35 14.19 -21.47 -2.96
CA ILE D 35 13.47 -20.99 -4.10
C ILE D 35 12.23 -21.86 -4.30
N ALA D 36 12.44 -23.17 -4.16
CA ALA D 36 11.39 -24.14 -4.38
C ALA D 36 10.29 -23.87 -3.39
N ARG D 37 10.72 -23.48 -2.20
CA ARG D 37 9.83 -23.13 -1.12
C ARG D 37 9.06 -21.84 -1.44
N ALA D 38 9.74 -20.83 -1.90
CA ALA D 38 9.08 -19.50 -2.09
C ALA D 38 8.08 -19.55 -3.27
N LEU D 39 8.41 -20.40 -4.23
CA LEU D 39 7.69 -20.51 -5.51
C LEU D 39 6.71 -21.65 -5.44
N GLU D 40 6.76 -22.40 -4.35
CA GLU D 40 5.87 -23.52 -4.09
C GLU D 40 5.92 -24.56 -5.22
N LEU D 41 7.15 -24.94 -5.52
CA LEU D 41 7.51 -25.90 -6.53
C LEU D 41 7.84 -27.21 -5.86
N ARG D 42 7.80 -28.28 -6.64
CA ARG D 42 8.36 -29.54 -6.20
C ARG D 42 9.86 -29.42 -6.04
N ALA D 43 10.40 -30.28 -5.20
CA ALA D 43 11.85 -30.42 -5.02
C ALA D 43 12.57 -30.58 -6.36
N GLY D 44 13.50 -29.67 -6.63
CA GLY D 44 14.37 -29.80 -7.80
C GLY D 44 13.67 -29.38 -9.09
N GLU D 45 12.48 -28.85 -8.98
CA GLU D 45 11.81 -28.40 -10.18
C GLU D 45 12.67 -27.38 -10.90
N THR D 46 12.57 -27.39 -12.20
CA THR D 46 13.39 -26.50 -13.01
C THR D 46 12.88 -25.09 -12.87
N VAL D 47 13.82 -24.20 -12.64
CA VAL D 47 13.59 -22.74 -12.67
C VAL D 47 14.54 -22.05 -13.62
N VAL D 48 14.06 -20.92 -14.08
CA VAL D 48 14.88 -19.98 -14.89
C VAL D 48 15.37 -18.92 -13.93
N THR D 49 16.64 -18.60 -14.04
CA THR D 49 17.21 -17.52 -13.24
C THR D 49 17.88 -16.50 -14.16
N ILE D 50 17.62 -15.24 -13.86
CA ILE D 50 18.18 -14.11 -14.57
C ILE D 50 18.91 -13.22 -13.56
N ARG D 51 20.08 -12.78 -13.97
CA ARG D 51 20.70 -11.61 -13.36
C ARG D 51 20.75 -10.45 -14.30
N ARG D 52 20.39 -9.30 -13.78
CA ARG D 52 20.38 -8.13 -14.59
C ARG D 52 20.74 -6.88 -13.84
N GLN D 53 21.19 -5.91 -14.62
CA GLN D 53 21.61 -4.59 -14.12
C GLN D 53 20.75 -3.49 -14.70
N LEU D 54 20.27 -2.68 -13.81
CA LEU D 54 19.58 -1.44 -14.17
C LEU D 54 20.47 -0.26 -13.89
N SER D 55 20.51 0.63 -14.85
CA SER D 55 21.20 1.90 -14.70
C SER D 55 20.21 3.00 -14.90
N ASN D 57 20.36 7.43 -15.48
CA ASN D 57 21.22 8.55 -15.76
C ASN D 57 22.70 8.11 -15.96
N HIS D 58 22.83 6.99 -16.64
CA HIS D 58 24.06 6.33 -17.12
C HIS D 58 24.89 5.71 -16.02
N PRO D 60 25.10 2.76 -12.71
CA PRO D 60 24.44 1.51 -12.27
C PRO D 60 23.72 1.74 -10.96
N THR D 61 22.51 1.26 -10.89
CA THR D 61 21.63 1.56 -9.76
C THR D 61 21.08 0.32 -9.07
N VAL D 62 20.81 -0.71 -9.87
CA VAL D 62 20.27 -1.95 -9.30
C VAL D 62 20.84 -3.19 -9.96
N ILE D 63 21.11 -4.16 -9.12
CA ILE D 63 21.30 -5.51 -9.55
C ILE D 63 20.22 -6.43 -9.01
N ASP D 64 19.59 -7.13 -9.94
CA ASP D 64 18.47 -8.04 -9.63
C ASP D 64 18.88 -9.44 -10.01
N ASP D 65 18.55 -10.35 -9.14
CA ASP D 65 18.57 -11.79 -9.38
C ASP D 65 17.13 -12.26 -9.30
N LEU D 66 16.64 -12.89 -10.35
CA LEU D 66 15.25 -13.33 -10.41
C LEU D 66 15.25 -14.85 -10.63
N TRP D 67 14.25 -15.49 -10.11
CA TRP D 67 14.01 -16.93 -10.30
C TRP D 67 12.54 -17.09 -10.64
N LEU D 68 12.31 -17.87 -11.68
CA LEU D 68 10.97 -18.11 -12.21
C LEU D 68 10.74 -19.60 -12.50
N PRO D 69 9.51 -20.08 -12.34
CA PRO D 69 9.20 -21.49 -12.57
C PRO D 69 9.25 -21.78 -14.07
N GLY D 70 9.98 -22.82 -14.38
CA GLY D 70 10.23 -23.21 -15.75
C GLY D 70 8.95 -23.48 -16.52
N THR D 71 7.98 -24.07 -15.86
CA THR D 71 6.80 -24.50 -16.58
C THR D 71 5.96 -23.33 -17.11
N HIS D 72 6.10 -22.16 -16.53
CA HIS D 72 5.36 -21.00 -17.05
C HIS D 72 6.22 -20.15 -17.94
N PHE D 73 7.51 -20.39 -17.88
CA PHE D 73 8.48 -19.54 -18.59
C PHE D 73 9.44 -20.28 -19.53
N ARG D 74 8.85 -21.24 -20.25
CA ARG D 74 9.60 -22.11 -21.16
C ARG D 74 10.38 -21.41 -22.26
N GLY D 75 9.71 -20.56 -23.05
CA GLY D 75 10.41 -19.89 -24.16
C GLY D 75 11.47 -18.87 -23.75
N LEU D 76 11.66 -18.71 -22.45
CA LEU D 76 12.49 -17.60 -21.89
C LEU D 76 14.00 -17.80 -22.05
N THR D 77 14.52 -17.20 -23.09
CA THR D 77 15.93 -17.36 -23.46
C THR D 77 16.70 -16.05 -23.43
N LEU D 78 18.01 -16.20 -23.30
CA LEU D 78 18.93 -15.07 -23.36
C LEU D 78 18.67 -14.30 -24.66
N GLU D 79 18.24 -15.05 -25.66
CA GLU D 79 18.12 -14.54 -27.02
C GLU D 79 16.85 -13.71 -27.08
N LEU D 80 15.84 -14.22 -26.38
CA LEU D 80 14.53 -13.58 -26.33
C LEU D 80 14.74 -12.36 -25.49
N LEU D 81 15.56 -12.52 -24.45
CA LEU D 81 15.79 -11.43 -23.49
C LEU D 81 16.59 -10.30 -24.11
N THR D 82 17.64 -10.63 -24.84
CA THR D 82 18.58 -9.60 -25.21
C THR D 82 18.12 -8.97 -26.53
N ALA D 83 17.20 -9.67 -27.19
CA ALA D 83 16.53 -9.13 -28.38
C ALA D 83 15.35 -8.31 -27.90
N SER D 84 14.95 -8.56 -26.66
CA SER D 84 13.79 -7.85 -26.07
C SER D 84 14.18 -6.41 -25.72
N LYS D 85 13.34 -5.49 -26.20
CA LYS D 85 13.46 -4.06 -25.93
C LYS D 85 12.29 -3.74 -25.01
N ALA D 86 12.04 -4.70 -24.13
CA ALA D 86 10.92 -4.71 -23.21
C ALA D 86 11.34 -4.92 -21.74
N PRO D 87 10.78 -4.12 -20.85
CA PRO D 87 10.82 -4.40 -19.42
C PRO D 87 10.36 -5.80 -19.10
N LEU D 88 10.96 -6.37 -18.08
CA LEU D 88 10.74 -7.76 -17.77
C LEU D 88 9.29 -8.09 -17.41
N TYR D 89 8.65 -7.32 -16.53
CA TYR D 89 7.24 -7.62 -16.18
C TYR D 89 6.33 -7.52 -17.40
N GLY D 90 6.64 -6.59 -18.31
CA GLY D 90 5.85 -6.41 -19.52
C GLY D 90 6.03 -7.61 -20.43
N LEU D 91 7.26 -8.14 -20.47
CA LEU D 91 7.60 -9.34 -21.27
C LEU D 91 6.86 -10.52 -20.71
N PHE D 92 6.78 -10.60 -19.40
CA PHE D 92 6.11 -11.72 -18.71
C PHE D 92 4.60 -11.69 -19.02
N GLU D 93 4.08 -10.48 -19.10
CA GLU D 93 2.66 -10.30 -19.43
C GLU D 93 2.40 -10.67 -20.88
N SER D 94 3.16 -10.09 -21.80
CA SER D 94 2.84 -10.12 -23.22
C SER D 94 3.19 -11.42 -23.86
N GLU D 95 4.31 -11.95 -23.45
CA GLU D 95 4.87 -13.11 -24.07
C GLU D 95 4.42 -14.34 -23.33
N PHE D 96 4.16 -14.23 -22.05
CA PHE D 96 3.93 -15.44 -21.23
C PHE D 96 2.58 -15.48 -20.56
N GLY D 97 1.85 -14.38 -20.69
CA GLY D 97 0.51 -14.16 -20.13
C GLY D 97 0.43 -14.19 -18.61
N VAL D 98 1.56 -13.90 -17.97
CA VAL D 98 1.64 -13.82 -16.46
C VAL D 98 1.72 -12.39 -15.97
N SER D 99 0.61 -11.91 -15.40
CA SER D 99 0.52 -10.58 -14.79
C SER D 99 0.50 -10.68 -13.31
N VAL D 101 -0.30 -9.44 -9.61
CA VAL D 101 -1.33 -8.73 -8.92
C VAL D 101 -0.82 -8.10 -7.59
N ARG D 102 0.23 -8.72 -7.02
CA ARG D 102 0.79 -8.35 -5.72
C ARG D 102 2.23 -8.73 -5.58
N ALA D 103 2.93 -8.01 -4.69
CA ALA D 103 4.29 -8.37 -4.26
C ALA D 103 4.47 -8.13 -2.80
N ASP D 104 5.20 -9.04 -2.18
CA ASP D 104 5.58 -8.95 -0.77
C ASP D 104 7.09 -8.77 -0.75
N GLU D 105 7.55 -7.74 -0.03
CA GLU D 105 8.96 -7.42 0.02
C GLU D 105 9.46 -7.30 1.42
N LYS D 106 10.72 -7.59 1.55
CA LYS D 106 11.44 -7.43 2.81
C LYS D 106 12.64 -6.59 2.44
N LEU D 107 12.76 -5.45 3.10
CA LEU D 107 13.84 -4.50 2.89
C LEU D 107 14.79 -4.44 4.08
N ARG D 108 16.06 -4.42 3.71
CA ARG D 108 17.19 -4.28 4.66
C ARG D 108 18.33 -3.48 4.06
N ALA D 109 19.18 -2.96 4.93
CA ALA D 109 20.42 -2.34 4.49
C ALA D 109 21.53 -3.32 4.77
N VAL D 110 22.37 -3.44 3.78
CA VAL D 110 23.44 -4.46 3.76
C VAL D 110 24.75 -3.82 3.25
N ALA D 111 25.86 -4.42 3.60
CA ALA D 111 27.19 -4.12 2.98
C ALA D 111 27.27 -4.72 1.54
N ALA D 112 27.74 -3.94 0.57
CA ALA D 112 28.00 -4.46 -0.77
C ALA D 112 28.93 -5.64 -0.68
N SER D 113 28.47 -6.80 -1.19
CA SER D 113 29.30 -8.01 -1.20
C SER D 113 30.42 -7.90 -2.30
N PRO D 114 31.51 -8.67 -2.16
CA PRO D 114 32.52 -8.74 -3.19
C PRO D 114 31.94 -9.05 -4.57
N GLU D 115 30.88 -9.83 -4.64
CA GLU D 115 30.26 -10.12 -5.93
C GLU D 115 29.48 -8.97 -6.54
N ILE D 116 28.78 -8.22 -5.68
CA ILE D 116 27.86 -7.20 -6.18
C ILE D 116 28.51 -5.87 -6.42
N ALA D 117 29.42 -5.55 -5.52
CA ALA D 117 30.10 -4.27 -5.46
C ALA D 117 30.63 -3.78 -6.84
N PRO D 118 31.35 -4.61 -7.56
CA PRO D 118 31.87 -4.15 -8.82
C PRO D 118 30.80 -3.91 -9.87
N LEU D 119 29.64 -4.51 -9.66
CA LEU D 119 28.54 -4.48 -10.65
C LEU D 119 27.78 -3.16 -10.47
N LEU D 120 28.05 -2.50 -9.32
CA LEU D 120 27.46 -1.18 -9.02
C LEU D 120 28.49 -0.08 -9.02
N GLY D 121 29.73 -0.44 -9.32
CA GLY D 121 30.82 0.50 -9.28
C GLY D 121 31.13 1.05 -7.94
N VAL D 122 30.94 0.21 -6.95
CA VAL D 122 31.30 0.59 -5.58
C VAL D 122 32.29 -0.34 -4.90
N GLU D 123 32.85 0.17 -3.81
CA GLU D 123 33.74 -0.63 -2.96
C GLU D 123 32.94 -1.60 -2.21
N PRO D 124 33.44 -2.84 -2.12
CA PRO D 124 32.79 -3.73 -1.17
C PRO D 124 32.70 -3.14 0.23
N GLY D 125 31.56 -3.34 0.86
CA GLY D 125 31.28 -2.72 2.15
C GLY D 125 30.31 -1.54 2.06
N ARG D 126 30.21 -0.95 0.89
CA ARG D 126 29.31 0.21 0.64
C ARG D 126 27.85 -0.16 1.01
N PRO D 127 27.13 0.69 1.79
CA PRO D 127 25.74 0.38 2.10
C PRO D 127 24.81 0.36 0.86
N LEU D 128 24.08 -0.75 0.74
CA LEU D 128 23.08 -1.02 -0.30
C LEU D 128 21.73 -1.32 0.32
N LEU D 129 20.68 -0.94 -0.41
CA LEU D 129 19.37 -1.40 -0.02
C LEU D 129 19.09 -2.74 -0.69
N GLN D 130 18.84 -3.73 0.11
CA GLN D 130 18.43 -5.04 -0.37
C GLN D 130 16.90 -5.18 -0.32
N VAL D 131 16.27 -5.45 -1.48
CA VAL D 131 14.82 -5.66 -1.60
C VAL D 131 14.55 -7.12 -2.03
N ASP D 132 14.09 -7.95 -1.10
CA ASP D 132 13.72 -9.33 -1.41
C ASP D 132 12.20 -9.33 -1.68
N ARG D 133 11.83 -9.66 -2.89
CA ARG D 133 10.47 -9.67 -3.38
C ARG D 133 9.98 -11.08 -3.80
N ILE D 134 8.74 -11.38 -3.45
CA ILE D 134 8.00 -12.46 -4.07
C ILE D 134 6.81 -11.82 -4.75
N SER D 135 6.65 -12.13 -6.02
CA SER D 135 5.50 -11.60 -6.80
C SER D 135 4.52 -12.71 -7.04
N TYR D 136 3.25 -12.33 -6.91
CA TYR D 136 2.11 -13.17 -7.06
C TYR D 136 1.23 -12.75 -8.24
N THR D 137 0.73 -13.77 -8.89
CA THR D 137 -0.24 -13.64 -9.95
C THR D 137 -1.54 -14.04 -9.27
N TYR D 138 -2.54 -14.14 -10.09
CA TYR D 138 -3.88 -14.66 -9.68
C TYR D 138 -3.90 -16.04 -8.97
N GLY D 139 -4.66 -16.06 -7.88
CA GLY D 139 -4.83 -17.23 -7.04
C GLY D 139 -3.77 -17.26 -5.95
N ASP D 140 -3.18 -16.11 -5.68
CA ASP D 140 -2.18 -16.02 -4.61
C ASP D 140 -1.09 -16.97 -4.96
N ARG D 141 -0.86 -17.06 -6.28
CA ARG D 141 0.17 -17.96 -6.82
CA ARG D 141 0.17 -17.95 -6.82
C ARG D 141 1.49 -17.24 -7.00
N PRO D 142 2.52 -17.69 -6.28
CA PRO D 142 3.82 -17.10 -6.49
C PRO D 142 4.45 -17.43 -7.82
N GLU D 144 7.44 -15.35 -9.03
CA GLU D 144 8.80 -14.79 -9.10
C GLU D 144 9.38 -14.47 -7.76
N VAL D 145 10.63 -14.84 -7.60
CA VAL D 145 11.46 -14.39 -6.50
C VAL D 145 12.49 -13.48 -7.09
N ARG D 146 12.55 -12.28 -6.56
CA ARG D 146 13.49 -11.30 -7.05
C ARG D 146 14.26 -10.68 -5.88
N ARG D 147 15.58 -10.83 -5.91
CA ARG D 147 16.45 -10.15 -4.95
C ARG D 147 17.16 -8.99 -5.62
N GLY D 148 16.89 -7.79 -5.13
CA GLY D 148 17.46 -6.55 -5.73
C GLY D 148 18.38 -5.93 -4.71
N LEU D 149 19.52 -5.48 -5.19
CA LEU D 149 20.47 -4.67 -4.47
C LEU D 149 20.56 -3.33 -5.18
N TYR D 150 20.19 -2.31 -4.40
CA TYR D 150 20.04 -0.94 -4.82
C TYR D 150 21.11 -0.03 -4.24
N LEU D 151 21.72 0.75 -5.13
CA LEU D 151 22.57 1.81 -4.72
C LEU D 151 21.66 3.06 -4.62
N THR D 152 21.61 3.64 -3.43
CA THR D 152 20.67 4.72 -3.15
C THR D 152 21.39 6.05 -2.96
N ASP D 153 22.41 6.32 -3.77
CA ASP D 153 23.13 7.56 -3.54
C ASP D 153 22.40 8.72 -4.29
N HIS D 154 21.77 8.44 -5.40
CA HIS D 154 21.04 9.45 -6.22
C HIS D 154 19.54 9.20 -6.31
N TYR D 155 19.17 8.04 -5.82
CA TYR D 155 17.80 7.50 -5.95
C TYR D 155 17.42 6.95 -4.56
N HIS D 156 16.17 7.09 -4.23
CA HIS D 156 15.60 6.41 -3.06
C HIS D 156 14.44 5.51 -3.49
N TYR D 157 14.00 4.72 -2.54
CA TYR D 157 12.82 3.87 -2.67
C TYR D 157 11.60 4.57 -2.06
N ARG D 158 10.65 4.87 -2.89
CA ARG D 158 9.46 5.66 -2.48
C ARG D 158 8.36 4.74 -2.03
N ASN D 159 7.75 5.07 -0.91
CA ASN D 159 6.67 4.29 -0.39
C ASN D 159 5.62 5.15 0.29
N SER D 160 4.37 4.93 -0.08
CA SER D 160 3.24 5.53 0.60
C SER D 160 2.51 4.50 1.41
N LEU D 161 2.22 4.88 2.64
CA LEU D 161 1.56 4.04 3.62
C LEU D 161 0.20 4.60 3.98
N ASN D 162 -0.82 3.74 4.01
CA ASN D 162 -2.11 4.09 4.52
C ASN D 162 -2.26 3.91 6.06
#